data_4DOV
#
_entry.id   4DOV
#
_cell.length_a   49.922
_cell.length_b   53.916
_cell.length_c   71.971
_cell.angle_alpha   90.00
_cell.angle_beta   102.41
_cell.angle_gamma   90.00
#
_symmetry.space_group_name_H-M   'P 1 21 1'
#
loop_
_entity.id
_entity.type
_entity.pdbx_description
1 polymer 'Origin recognition complex subunit 1'
2 water water
#
_entity_poly.entity_id   1
_entity_poly.type   'polypeptide(L)'
_entity_poly.pdbx_seq_one_letter_code
;SKTRQTFSWVGRPLPNRKQFQQ(MSE)YREIC(MSE)KINDGSEIHIKVGQFVLIQGEDNKKPYVAKLIELFQNGAEVPP
KKCARVQWFVRFLEIPVSKRHLLGRSPPAQEIFWYDCSDWDNKINVETIIGPVQVVALAPEEVIPVDQKSEETLFVKLSW
NKKDFAPLPPE
;
_entity_poly.pdbx_strand_id   A,C
#
# COMPACT_ATOMS: atom_id res chain seq x y z
N GLN A 5 -7.72 -0.38 -15.12
CA GLN A 5 -6.30 -0.08 -15.25
C GLN A 5 -5.73 -0.58 -16.57
N THR A 6 -4.65 0.05 -17.04
CA THR A 6 -3.99 -0.39 -18.26
C THR A 6 -2.52 -0.71 -18.01
N PHE A 7 -1.96 -1.57 -18.84
CA PHE A 7 -0.58 -2.00 -18.66
C PHE A 7 0.22 -1.69 -19.92
N SER A 8 1.48 -1.30 -19.74
CA SER A 8 2.38 -1.04 -20.85
C SER A 8 3.77 -1.58 -20.51
N TRP A 9 4.47 -2.08 -21.52
CA TRP A 9 5.81 -2.59 -21.30
C TRP A 9 6.78 -1.44 -21.05
N VAL A 10 7.79 -1.70 -20.22
CA VAL A 10 8.85 -0.75 -19.95
C VAL A 10 10.14 -1.34 -20.51
N GLY A 11 10.89 -0.56 -21.29
CA GLY A 11 12.14 -1.06 -21.85
C GLY A 11 11.97 -1.81 -23.16
N ARG A 12 13.08 -2.29 -23.71
CA ARG A 12 13.06 -3.08 -24.94
C ARG A 12 12.89 -4.54 -24.60
N PRO A 13 12.47 -5.36 -25.57
CA PRO A 13 12.44 -6.81 -25.36
C PRO A 13 13.81 -7.34 -24.97
N LEU A 14 13.83 -8.32 -24.07
CA LEU A 14 15.07 -8.96 -23.66
C LEU A 14 15.54 -9.92 -24.74
N PRO A 15 16.86 -10.15 -24.80
CA PRO A 15 17.34 -11.12 -25.79
C PRO A 15 16.88 -12.54 -25.49
N ASN A 16 16.38 -13.20 -26.51
CA ASN A 16 16.13 -14.64 -26.49
C ASN A 16 15.77 -15.15 -27.87
N ARG A 17 15.51 -16.45 -27.95
CA ARG A 17 15.21 -17.08 -29.23
C ARG A 17 13.81 -17.68 -29.21
N LYS A 18 12.96 -17.18 -28.31
CA LYS A 18 11.59 -17.64 -28.24
C LYS A 18 10.78 -17.14 -29.43
N GLN A 19 10.07 -18.07 -30.07
CA GLN A 19 9.19 -17.73 -31.17
C GLN A 19 7.85 -17.25 -30.63
N PHE A 20 7.40 -16.11 -31.17
CA PHE A 20 6.05 -15.60 -30.92
C PHE A 20 5.83 -15.09 -29.50
N GLN A 21 6.92 -14.89 -28.77
CA GLN A 21 6.85 -14.29 -27.45
C GLN A 21 7.97 -13.28 -27.31
N GLN A 22 7.66 -12.14 -26.67
CA GLN A 22 8.68 -11.13 -26.37
C GLN A 22 8.76 -10.96 -24.86
N MSE A 23 9.96 -11.11 -24.30
CA MSE A 23 10.11 -11.02 -22.84
C MSE A 23 10.55 -9.61 -22.42
O MSE A 23 11.29 -8.94 -23.15
CB MSE A 23 11.15 -12.03 -22.36
CG MSE A 23 10.62 -13.45 -22.23
SE MSE A 23 9.76 -14.14 -23.88
CE MSE A 23 9.06 -15.80 -23.10
N TYR A 24 10.09 -9.16 -21.25
CA TYR A 24 10.45 -7.84 -20.73
C TYR A 24 10.91 -7.90 -19.28
N ARG A 25 11.66 -6.90 -18.85
CA ARG A 25 12.12 -6.85 -17.46
C ARG A 25 11.12 -6.20 -16.52
N GLU A 26 10.21 -5.39 -17.07
CA GLU A 26 9.43 -4.47 -16.25
C GLU A 26 8.12 -4.10 -16.94
N ILE A 27 7.09 -3.83 -16.15
CA ILE A 27 5.81 -3.44 -16.68
C ILE A 27 5.30 -2.23 -15.91
N CYS A 28 4.45 -1.43 -16.55
CA CYS A 28 3.90 -0.23 -15.91
C CYS A 28 2.40 -0.40 -15.81
N MSE A 29 1.89 -0.44 -14.58
CA MSE A 29 0.46 -0.57 -14.34
C MSE A 29 -0.10 0.81 -14.00
O MSE A 29 0.17 1.34 -12.92
CB MSE A 29 0.22 -1.53 -13.18
CG MSE A 29 -1.25 -1.70 -12.77
SE MSE A 29 -1.49 -2.90 -11.24
CE MSE A 29 -0.62 -1.82 -9.85
N LYS A 30 -0.85 1.40 -14.93
CA LYS A 30 -1.50 2.68 -14.66
C LYS A 30 -2.87 2.47 -14.05
N ILE A 31 -3.02 2.85 -12.78
CA ILE A 31 -4.24 2.55 -12.03
C ILE A 31 -5.26 3.68 -12.14
N ASN A 32 -6.44 3.44 -11.58
CA ASN A 32 -7.56 4.35 -11.74
C ASN A 32 -7.25 5.78 -11.28
N ASP A 33 -6.55 5.93 -10.17
CA ASP A 33 -6.27 7.26 -9.63
C ASP A 33 -5.15 8.01 -10.38
N GLY A 34 -4.67 7.43 -11.45
CA GLY A 34 -3.66 8.07 -12.29
C GLY A 34 -2.22 7.66 -12.03
N SER A 35 -1.97 6.95 -10.92
CA SER A 35 -0.61 6.54 -10.58
C SER A 35 -0.07 5.50 -11.58
N GLU A 36 1.24 5.53 -11.80
CA GLU A 36 1.89 4.59 -12.71
C GLU A 36 2.84 3.73 -11.89
N ILE A 37 2.45 2.47 -11.68
CA ILE A 37 3.15 1.58 -10.77
C ILE A 37 4.05 0.64 -11.56
N HIS A 38 5.36 0.76 -11.34
CA HIS A 38 6.33 -0.05 -12.04
C HIS A 38 6.62 -1.33 -11.28
N ILE A 39 6.52 -2.45 -11.99
CA ILE A 39 6.75 -3.75 -11.38
C ILE A 39 7.78 -4.51 -12.20
N LYS A 40 8.81 -4.99 -11.52
CA LYS A 40 9.93 -5.65 -12.19
C LYS A 40 9.94 -7.15 -11.93
N VAL A 41 10.48 -7.92 -12.87
CA VAL A 41 10.77 -9.32 -12.60
C VAL A 41 11.61 -9.44 -11.34
N GLY A 42 11.23 -10.40 -10.48
CA GLY A 42 11.89 -10.62 -9.21
C GLY A 42 11.11 -10.05 -8.04
N GLN A 43 10.20 -9.12 -8.34
CA GLN A 43 9.33 -8.58 -7.31
C GLN A 43 8.14 -9.51 -7.06
N PHE A 44 7.44 -9.25 -5.97
CA PHE A 44 6.26 -10.01 -5.58
C PHE A 44 5.00 -9.21 -5.81
N VAL A 45 3.94 -9.90 -6.17
CA VAL A 45 2.69 -9.24 -6.46
C VAL A 45 1.52 -9.93 -5.80
N LEU A 46 0.45 -9.16 -5.59
CA LEU A 46 -0.83 -9.68 -5.19
C LEU A 46 -1.67 -9.96 -6.44
N ILE A 47 -2.32 -11.12 -6.48
CA ILE A 47 -3.03 -11.55 -7.67
C ILE A 47 -4.49 -11.79 -7.31
N GLN A 48 -5.40 -11.27 -8.13
CA GLN A 48 -6.82 -11.34 -7.78
C GLN A 48 -7.38 -12.76 -7.85
N GLY A 49 -8.09 -13.16 -6.80
CA GLY A 49 -8.72 -14.48 -6.74
C GLY A 49 -10.20 -14.43 -7.06
N GLU A 50 -10.99 -15.27 -6.38
CA GLU A 50 -12.42 -15.42 -6.72
C GLU A 50 -13.40 -14.47 -6.03
N ASP A 51 -12.94 -13.28 -5.66
CA ASP A 51 -13.81 -12.18 -5.19
C ASP A 51 -14.40 -12.30 -3.78
N ASN A 52 -14.30 -13.47 -3.17
CA ASN A 52 -14.71 -13.63 -1.78
C ASN A 52 -13.47 -13.59 -0.91
N LYS A 53 -12.32 -13.66 -1.56
CA LYS A 53 -11.09 -14.05 -0.89
C LYS A 53 -9.96 -13.05 -0.97
N LYS A 54 -8.98 -13.30 -0.11
CA LYS A 54 -7.73 -12.58 -0.12
C LYS A 54 -7.00 -12.88 -1.42
N PRO A 55 -6.31 -11.87 -1.95
CA PRO A 55 -5.46 -12.07 -3.13
C PRO A 55 -4.40 -13.12 -2.89
N TYR A 56 -4.00 -13.81 -3.96
CA TYR A 56 -2.87 -14.74 -3.92
C TYR A 56 -1.60 -13.92 -3.90
N VAL A 57 -0.50 -14.55 -3.48
CA VAL A 57 0.81 -13.91 -3.51
C VAL A 57 1.76 -14.70 -4.41
N ALA A 58 2.50 -14.00 -5.27
CA ALA A 58 3.40 -14.69 -6.19
C ALA A 58 4.63 -13.86 -6.45
N LYS A 59 5.74 -14.55 -6.73
CA LYS A 59 6.96 -13.88 -7.21
C LYS A 59 6.93 -13.85 -8.73
N LEU A 60 7.20 -12.69 -9.34
CA LEU A 60 7.27 -12.59 -10.79
C LEU A 60 8.61 -13.15 -11.29
N ILE A 61 8.56 -14.16 -12.17
CA ILE A 61 9.79 -14.75 -12.67
C ILE A 61 10.01 -14.43 -14.15
N GLU A 62 8.93 -14.08 -14.85
CA GLU A 62 9.00 -13.69 -16.26
C GLU A 62 7.84 -12.77 -16.60
N LEU A 63 8.08 -11.81 -17.48
CA LEU A 63 7.01 -11.01 -18.05
C LEU A 63 7.11 -11.13 -19.55
N PHE A 64 5.99 -11.35 -20.21
CA PHE A 64 6.06 -11.54 -21.68
C PHE A 64 4.78 -11.21 -22.43
N GLN A 65 4.98 -10.71 -23.64
CA GLN A 65 3.90 -10.51 -24.60
C GLN A 65 3.68 -11.84 -25.29
N ASN A 66 2.48 -12.39 -25.18
CA ASN A 66 2.20 -13.67 -25.81
C ASN A 66 1.41 -13.55 -27.10
N GLY A 67 2.09 -13.76 -28.22
CA GLY A 67 1.47 -13.64 -29.53
C GLY A 67 0.70 -14.88 -29.99
N ALA A 68 0.90 -15.99 -29.29
CA ALA A 68 0.20 -17.24 -29.60
C ALA A 68 -1.14 -17.35 -28.84
N GLU A 69 -1.65 -16.21 -28.41
CA GLU A 69 -3.04 -16.07 -28.00
C GLU A 69 -3.67 -15.02 -28.91
N VAL A 70 -4.96 -15.16 -29.18
CA VAL A 70 -5.66 -14.23 -30.05
C VAL A 70 -6.99 -13.84 -29.42
N PRO A 71 -7.15 -12.54 -29.10
CA PRO A 71 -6.15 -11.48 -29.27
C PRO A 71 -4.96 -11.67 -28.33
N PRO A 72 -3.81 -11.10 -28.67
CA PRO A 72 -2.59 -11.31 -27.87
C PRO A 72 -2.74 -10.74 -26.46
N LYS A 73 -1.96 -11.27 -25.53
CA LYS A 73 -2.09 -10.89 -24.13
C LYS A 73 -0.73 -10.63 -23.49
N LYS A 74 -0.73 -9.74 -22.50
CA LYS A 74 0.45 -9.56 -21.66
C LYS A 74 0.35 -10.58 -20.53
N CYS A 75 1.43 -11.32 -20.31
CA CYS A 75 1.42 -12.43 -19.36
C CYS A 75 2.60 -12.38 -18.42
N ALA A 76 2.52 -13.15 -17.36
CA ALA A 76 3.65 -13.35 -16.48
C ALA A 76 3.78 -14.83 -16.17
N ARG A 77 5.00 -15.27 -15.88
CA ARG A 77 5.22 -16.57 -15.23
C ARG A 77 5.58 -16.26 -13.78
N VAL A 78 5.04 -17.04 -12.85
CA VAL A 78 5.26 -16.76 -11.45
C VAL A 78 5.74 -17.97 -10.67
N GLN A 79 6.33 -17.69 -9.51
CA GLN A 79 6.55 -18.69 -8.46
C GLN A 79 5.48 -18.43 -7.40
N TRP A 80 4.59 -19.41 -7.20
CA TRP A 80 3.49 -19.20 -6.25
C TRP A 80 3.92 -19.26 -4.77
N PHE A 81 3.24 -18.49 -3.94
CA PHE A 81 3.28 -18.70 -2.50
C PHE A 81 1.87 -19.10 -2.13
N VAL A 82 1.70 -19.59 -0.91
CA VAL A 82 0.39 -19.97 -0.42
C VAL A 82 0.20 -19.41 0.98
N ARG A 83 -0.98 -18.87 1.27
CA ARG A 83 -1.31 -18.43 2.62
C ARG A 83 -1.76 -19.62 3.45
N PHE A 84 -1.66 -19.51 4.76
CA PHE A 84 -1.96 -20.62 5.66
C PHE A 84 -3.38 -21.14 5.40
N LEU A 85 -4.31 -20.21 5.22
CA LEU A 85 -5.72 -20.61 5.06
C LEU A 85 -6.04 -21.14 3.66
N GLU A 86 -5.08 -21.08 2.76
CA GLU A 86 -5.23 -21.63 1.42
C GLU A 86 -4.84 -23.12 1.43
N ILE A 87 -4.22 -23.54 2.54
CA ILE A 87 -3.83 -24.93 2.75
C ILE A 87 -5.04 -25.69 3.31
N PRO A 88 -5.30 -26.91 2.81
CA PRO A 88 -6.51 -27.64 3.23
C PRO A 88 -6.60 -27.81 4.75
N VAL A 89 -7.79 -27.64 5.32
CA VAL A 89 -7.98 -27.72 6.79
C VAL A 89 -7.37 -28.97 7.41
N SER A 90 -7.41 -30.08 6.67
CA SER A 90 -6.99 -31.36 7.19
C SER A 90 -5.47 -31.49 7.29
N LYS A 91 -4.76 -30.54 6.68
CA LYS A 91 -3.29 -30.60 6.63
C LYS A 91 -2.61 -29.49 7.44
N ARG A 92 -3.38 -28.48 7.83
CA ARG A 92 -2.82 -27.30 8.51
C ARG A 92 -2.14 -27.59 9.85
N HIS A 93 -2.60 -28.63 10.53
CA HIS A 93 -2.06 -28.98 11.83
C HIS A 93 -0.61 -29.41 11.72
N LEU A 94 -0.18 -29.79 10.52
CA LEU A 94 1.18 -30.29 10.34
C LEU A 94 2.23 -29.21 10.61
N LEU A 95 1.82 -27.94 10.53
CA LEU A 95 2.73 -26.85 10.84
C LEU A 95 3.12 -26.90 12.32
N GLY A 96 2.19 -27.35 13.15
CA GLY A 96 2.44 -27.50 14.58
C GLY A 96 2.37 -26.20 15.36
N ARG A 97 1.92 -25.15 14.69
CA ARG A 97 1.71 -23.86 15.33
C ARG A 97 0.74 -23.02 14.52
N SER A 98 0.27 -21.93 15.11
CA SER A 98 -0.64 -21.01 14.43
C SER A 98 0.11 -19.78 13.94
N PRO A 99 0.30 -19.66 12.61
CA PRO A 99 1.14 -18.56 12.09
C PRO A 99 0.40 -17.23 12.08
N PRO A 100 1.14 -16.11 12.15
CA PRO A 100 0.52 -14.79 12.04
C PRO A 100 0.06 -14.57 10.61
N ALA A 101 -0.82 -13.59 10.40
CA ALA A 101 -1.35 -13.32 9.07
C ALA A 101 -0.26 -12.97 8.09
N GLN A 102 0.86 -12.45 8.59
CA GLN A 102 1.94 -11.96 7.71
C GLN A 102 2.84 -13.09 7.20
N GLU A 103 2.72 -14.28 7.78
CA GLU A 103 3.55 -15.40 7.32
C GLU A 103 2.92 -16.16 6.14
N ILE A 104 3.68 -16.30 5.05
CA ILE A 104 3.24 -17.13 3.92
C ILE A 104 4.25 -18.24 3.65
N PHE A 105 3.92 -19.10 2.70
CA PHE A 105 4.75 -20.28 2.42
C PHE A 105 5.08 -20.40 0.96
N TRP A 106 6.35 -20.69 0.69
CA TRP A 106 6.77 -20.96 -0.68
C TRP A 106 6.07 -22.25 -1.13
N TYR A 107 5.38 -22.17 -2.26
CA TYR A 107 4.62 -23.30 -2.76
C TYR A 107 5.47 -24.17 -3.66
N ASP A 108 5.93 -25.28 -3.12
CA ASP A 108 6.88 -26.14 -3.81
C ASP A 108 6.13 -27.28 -4.50
N CYS A 109 5.46 -26.94 -5.60
CA CYS A 109 4.68 -27.89 -6.37
C CYS A 109 4.39 -27.32 -7.75
N SER A 110 4.45 -28.17 -8.77
CA SER A 110 4.23 -27.76 -10.17
C SER A 110 2.74 -27.72 -10.50
N ASP A 111 1.92 -28.02 -9.51
CA ASP A 111 0.49 -28.18 -9.68
C ASP A 111 -0.22 -26.95 -10.26
N TRP A 112 -0.04 -25.83 -9.59
CA TRP A 112 -0.72 -24.59 -9.93
C TRP A 112 -0.09 -24.05 -11.22
N ASP A 113 -0.89 -23.85 -12.25
CA ASP A 113 -0.37 -23.27 -13.50
C ASP A 113 0.33 -21.97 -13.16
N ASN A 114 1.57 -21.82 -13.63
CA ASN A 114 2.38 -20.65 -13.25
C ASN A 114 2.31 -19.50 -14.25
N LYS A 115 1.48 -19.64 -15.29
CA LYS A 115 1.24 -18.55 -16.24
C LYS A 115 -0.04 -17.80 -15.91
N ILE A 116 0.08 -16.50 -15.74
CA ILE A 116 -1.08 -15.67 -15.49
C ILE A 116 -1.17 -14.52 -16.49
N ASN A 117 -2.37 -13.96 -16.59
CA ASN A 117 -2.64 -12.75 -17.36
C ASN A 117 -2.31 -11.57 -16.44
N VAL A 118 -1.54 -10.62 -16.94
CA VAL A 118 -1.08 -9.50 -16.13
C VAL A 118 -2.25 -8.69 -15.60
N GLU A 119 -3.39 -8.78 -16.29
CA GLU A 119 -4.59 -8.04 -15.87
C GLU A 119 -5.12 -8.49 -14.50
N THR A 120 -4.67 -9.65 -14.04
CA THR A 120 -5.06 -10.14 -12.72
C THR A 120 -4.17 -9.61 -11.58
N ILE A 121 -3.14 -8.86 -11.93
CA ILE A 121 -2.25 -8.28 -10.91
C ILE A 121 -2.91 -7.08 -10.25
N ILE A 122 -2.94 -7.09 -8.92
CA ILE A 122 -3.48 -5.98 -8.13
C ILE A 122 -2.37 -4.94 -7.90
N GLY A 123 -1.18 -5.43 -7.56
CA GLY A 123 -0.06 -4.56 -7.29
C GLY A 123 1.07 -5.30 -6.58
N PRO A 124 2.16 -4.60 -6.29
CA PRO A 124 3.31 -5.20 -5.62
C PRO A 124 3.08 -5.39 -4.12
N VAL A 125 3.86 -6.29 -3.54
CA VAL A 125 3.90 -6.52 -2.11
C VAL A 125 5.34 -6.84 -1.73
N GLN A 126 5.75 -6.44 -0.53
CA GLN A 126 7.11 -6.76 -0.09
C GLN A 126 7.07 -8.11 0.63
N VAL A 127 8.00 -9.00 0.27
CA VAL A 127 8.11 -10.30 0.92
C VAL A 127 9.55 -10.47 1.36
N VAL A 128 9.73 -10.93 2.60
CA VAL A 128 11.04 -11.03 3.20
C VAL A 128 11.28 -12.44 3.69
N ALA A 129 12.42 -13.01 3.31
CA ALA A 129 12.80 -14.35 3.76
C ALA A 129 13.42 -14.29 5.16
N LEU A 130 12.96 -15.15 6.06
CA LEU A 130 13.44 -15.16 7.43
C LEU A 130 14.03 -16.51 7.83
N ALA A 131 14.97 -16.50 8.76
CA ALA A 131 15.40 -17.71 9.43
C ALA A 131 14.33 -18.12 10.45
N PRO A 132 14.30 -19.42 10.82
CA PRO A 132 13.25 -19.94 11.70
C PRO A 132 13.23 -19.26 13.08
N GLU A 133 14.41 -18.91 13.58
CA GLU A 133 14.53 -18.23 14.87
C GLU A 133 13.82 -16.87 14.88
N GLU A 134 13.79 -16.20 13.73
CA GLU A 134 13.33 -14.83 13.69
C GLU A 134 11.87 -14.69 14.08
N VAL A 135 11.54 -13.53 14.61
CA VAL A 135 10.23 -13.28 15.17
C VAL A 135 9.46 -12.31 14.29
N ILE A 136 8.31 -12.76 13.81
CA ILE A 136 7.35 -11.90 13.13
C ILE A 136 6.46 -11.26 14.20
N PRO A 137 6.22 -9.94 14.09
CA PRO A 137 5.28 -9.30 15.03
C PRO A 137 3.88 -9.91 14.90
N VAL A 138 3.30 -10.40 16.00
CA VAL A 138 2.17 -11.32 15.91
C VAL A 138 0.78 -10.77 16.26
N ASP A 139 0.66 -9.46 16.40
CA ASP A 139 -0.64 -8.85 16.67
C ASP A 139 -1.10 -7.92 15.53
N GLN A 140 -0.32 -7.89 14.46
CA GLN A 140 -0.44 -6.83 13.44
C GLN A 140 -1.49 -7.07 12.37
N LYS A 141 -2.15 -5.99 11.96
CA LYS A 141 -3.12 -6.05 10.86
C LYS A 141 -2.46 -5.90 9.50
N SER A 142 -1.56 -4.92 9.37
CA SER A 142 -0.98 -4.58 8.07
C SER A 142 -0.26 -5.75 7.42
N GLU A 143 -0.47 -5.92 6.12
CA GLU A 143 0.25 -6.95 5.36
C GLU A 143 1.12 -6.32 4.28
N GLU A 144 1.57 -5.09 4.53
CA GLU A 144 2.42 -4.38 3.59
C GLU A 144 3.70 -5.19 3.38
N THR A 145 4.13 -5.88 4.42
CA THR A 145 5.27 -6.80 4.29
C THR A 145 4.86 -8.18 4.79
N LEU A 146 5.09 -9.19 3.94
CA LEU A 146 4.84 -10.58 4.31
C LEU A 146 6.17 -11.26 4.51
N PHE A 147 6.18 -12.36 5.26
CA PHE A 147 7.44 -13.03 5.61
C PHE A 147 7.34 -14.50 5.27
N VAL A 148 8.44 -15.08 4.84
CA VAL A 148 8.43 -16.50 4.51
C VAL A 148 9.60 -17.23 5.18
N LYS A 149 9.29 -18.30 5.91
CA LYS A 149 10.30 -19.11 6.57
C LYS A 149 10.37 -20.51 5.97
N LEU A 150 9.26 -20.99 5.43
CA LEU A 150 9.09 -22.39 5.08
C LEU A 150 8.44 -22.56 3.71
N SER A 151 8.64 -23.73 3.11
CA SER A 151 7.91 -24.13 1.94
C SER A 151 6.84 -25.13 2.31
N TRP A 152 5.84 -25.25 1.45
CA TRP A 152 4.79 -26.26 1.60
C TRP A 152 4.70 -27.01 0.28
N ASN A 153 4.71 -28.34 0.32
CA ASN A 153 4.73 -29.11 -0.92
C ASN A 153 3.50 -30.00 -1.12
N LYS A 154 2.42 -29.69 -0.40
CA LYS A 154 1.18 -30.47 -0.40
C LYS A 154 1.25 -31.65 0.57
N LYS A 155 2.45 -31.97 1.05
CA LYS A 155 2.64 -33.08 1.98
C LYS A 155 3.08 -32.61 3.36
N ASP A 156 4.11 -31.78 3.40
CA ASP A 156 4.55 -31.21 4.68
C ASP A 156 5.28 -29.90 4.48
N PHE A 157 5.56 -29.25 5.60
CA PHE A 157 6.30 -28.01 5.61
C PHE A 157 7.77 -28.33 5.68
N ALA A 158 8.58 -27.55 4.98
CA ALA A 158 10.02 -27.72 5.03
C ALA A 158 10.68 -26.35 5.11
N PRO A 159 11.82 -26.26 5.81
CA PRO A 159 12.57 -25.00 5.89
C PRO A 159 13.09 -24.62 4.51
N LEU A 160 13.15 -23.32 4.23
CA LEU A 160 13.70 -22.88 2.94
C LEU A 160 15.22 -23.07 2.92
N PRO A 161 15.75 -23.48 1.76
CA PRO A 161 17.19 -23.47 1.46
C PRO A 161 17.57 -22.32 0.52
N ARG B 4 8.74 10.55 -0.64
CA ARG B 4 9.74 9.84 -1.43
C ARG B 4 10.37 10.73 -2.51
N GLN B 5 11.27 10.16 -3.31
CA GLN B 5 12.28 10.93 -4.05
C GLN B 5 11.93 12.33 -4.60
N THR B 6 11.21 12.40 -5.71
CA THR B 6 10.98 13.71 -6.33
C THR B 6 9.51 14.03 -6.57
N PHE B 7 9.15 15.29 -6.37
CA PHE B 7 7.77 15.70 -6.50
C PHE B 7 7.65 16.66 -7.66
N SER B 8 6.58 16.50 -8.44
CA SER B 8 6.31 17.41 -9.54
C SER B 8 4.83 17.72 -9.56
N TRP B 9 4.48 18.90 -10.06
CA TRP B 9 3.07 19.25 -10.14
C TRP B 9 2.41 18.51 -11.29
N VAL B 10 1.11 18.30 -11.16
CA VAL B 10 0.30 17.67 -12.19
C VAL B 10 -0.74 18.69 -12.63
N GLY B 11 -0.81 18.94 -13.94
CA GLY B 11 -1.79 19.88 -14.45
C GLY B 11 -1.41 21.33 -14.23
N ARG B 12 -2.37 22.21 -14.51
CA ARG B 12 -2.18 23.64 -14.43
C ARG B 12 -2.73 24.12 -13.10
N PRO B 13 -2.20 25.24 -12.59
CA PRO B 13 -2.64 25.76 -11.30
C PRO B 13 -4.14 26.05 -11.31
N LEU B 14 -4.75 26.07 -10.13
CA LEU B 14 -6.14 26.47 -10.00
C LEU B 14 -6.20 27.99 -9.97
N PRO B 15 -7.38 28.55 -10.24
CA PRO B 15 -7.62 29.98 -10.04
C PRO B 15 -7.43 30.36 -8.57
N ASN B 16 -6.77 31.47 -8.31
CA ASN B 16 -6.51 31.88 -6.93
C ASN B 16 -6.13 33.35 -6.84
N ARG B 17 -6.73 34.04 -5.88
CA ARG B 17 -6.36 35.41 -5.56
C ARG B 17 -5.51 35.43 -4.29
N LYS B 18 -4.96 34.26 -3.95
CA LYS B 18 -4.07 34.13 -2.79
C LYS B 18 -2.64 34.56 -3.18
N GLN B 19 -2.10 35.50 -2.40
CA GLN B 19 -0.85 36.17 -2.75
C GLN B 19 0.42 35.29 -2.74
N PHE B 20 1.04 35.13 -3.90
CA PHE B 20 2.35 34.49 -4.03
C PHE B 20 2.31 32.97 -3.84
N GLN B 21 1.11 32.42 -3.93
CA GLN B 21 0.93 30.98 -3.88
C GLN B 21 0.17 30.53 -5.12
N GLN B 22 0.63 29.46 -5.75
CA GLN B 22 -0.10 28.84 -6.87
C GLN B 22 -0.68 27.52 -6.38
N MSE B 23 -2.01 27.38 -6.43
CA MSE B 23 -2.68 26.16 -5.94
C MSE B 23 -2.80 25.10 -7.02
O MSE B 23 -3.09 25.39 -8.18
CB MSE B 23 -4.09 26.48 -5.40
CG MSE B 23 -4.13 26.73 -3.90
SE MSE B 23 -3.11 28.32 -3.46
CE MSE B 23 -3.53 28.46 -1.55
N TYR B 24 -2.60 23.85 -6.61
CA TYR B 24 -2.72 22.69 -7.49
C TYR B 24 -3.70 21.66 -6.91
N ARG B 25 -4.28 20.85 -7.78
CA ARG B 25 -5.21 19.80 -7.37
C ARG B 25 -4.45 18.52 -7.05
N GLU B 26 -3.26 18.38 -7.61
CA GLU B 26 -2.63 17.07 -7.67
C GLU B 26 -1.11 17.15 -7.77
N ILE B 27 -0.42 16.20 -7.15
CA ILE B 27 1.03 16.18 -7.19
C ILE B 27 1.47 14.77 -7.59
N CYS B 28 2.66 14.67 -8.18
CA CYS B 28 3.21 13.38 -8.58
C CYS B 28 4.48 13.11 -7.80
N MSE B 29 4.46 12.04 -7.01
CA MSE B 29 5.64 11.64 -6.26
C MSE B 29 6.35 10.51 -7.00
O MSE B 29 5.82 9.40 -7.08
CB MSE B 29 5.22 11.16 -4.87
CG MSE B 29 6.36 10.70 -3.99
SE MSE B 29 5.72 10.10 -2.22
CE MSE B 29 4.74 8.51 -2.80
N LYS B 30 7.55 10.77 -7.52
CA LYS B 30 8.31 9.71 -8.20
C LYS B 30 9.28 9.04 -7.23
N ILE B 31 9.11 7.74 -7.05
CA ILE B 31 9.90 7.00 -6.07
C ILE B 31 11.03 6.21 -6.73
N ASN B 32 11.88 5.61 -5.89
CA ASN B 32 13.10 4.95 -6.37
C ASN B 32 12.84 3.78 -7.32
N ASP B 33 11.78 3.01 -7.11
CA ASP B 33 11.53 1.87 -8.01
C ASP B 33 10.99 2.29 -9.38
N GLY B 34 10.82 3.60 -9.57
CA GLY B 34 10.39 4.15 -10.84
C GLY B 34 8.92 4.51 -10.93
N SER B 35 8.15 4.11 -9.90
CA SER B 35 6.72 4.38 -9.89
C SER B 35 6.43 5.87 -9.75
N GLU B 36 5.33 6.32 -10.37
CA GLU B 36 4.89 7.69 -10.26
C GLU B 36 3.53 7.72 -9.55
N ILE B 37 3.56 8.15 -8.29
CA ILE B 37 2.38 8.07 -7.44
C ILE B 37 1.64 9.40 -7.44
N HIS B 38 0.40 9.40 -7.93
CA HIS B 38 -0.38 10.63 -7.96
C HIS B 38 -1.20 10.79 -6.67
N ILE B 39 -1.11 11.97 -6.08
CA ILE B 39 -1.83 12.26 -4.85
C ILE B 39 -2.64 13.54 -5.02
N LYS B 40 -3.93 13.48 -4.72
CA LYS B 40 -4.83 14.62 -4.96
C LYS B 40 -5.31 15.24 -3.68
N VAL B 41 -5.64 16.52 -3.74
CA VAL B 41 -6.38 17.16 -2.66
C VAL B 41 -7.62 16.35 -2.31
N GLY B 42 -7.82 16.13 -1.01
CA GLY B 42 -8.93 15.32 -0.53
C GLY B 42 -8.54 13.90 -0.17
N GLN B 43 -7.37 13.48 -0.65
CA GLN B 43 -6.83 12.18 -0.29
C GLN B 43 -6.04 12.29 1.00
N PHE B 44 -5.55 11.16 1.48
CA PHE B 44 -4.87 11.14 2.78
C PHE B 44 -3.44 10.67 2.61
N VAL B 45 -2.56 11.16 3.46
CA VAL B 45 -1.15 10.82 3.35
C VAL B 45 -0.56 10.47 4.71
N LEU B 46 0.49 9.66 4.68
CA LEU B 46 1.35 9.45 5.83
C LEU B 46 2.50 10.44 5.75
N ILE B 47 2.80 11.06 6.89
CA ILE B 47 3.79 12.13 6.98
C ILE B 47 4.92 11.72 7.92
N GLN B 48 6.15 11.95 7.50
CA GLN B 48 7.32 11.49 8.24
C GLN B 48 7.37 12.16 9.60
N GLY B 49 7.39 11.33 10.64
CA GLY B 49 7.53 11.80 12.01
C GLY B 49 8.93 11.47 12.51
N GLU B 50 9.07 11.27 13.82
CA GLU B 50 10.40 11.20 14.43
C GLU B 50 10.98 9.82 14.73
N ASP B 51 10.87 8.90 13.78
CA ASP B 51 11.73 7.71 13.74
C ASP B 51 11.25 6.41 14.42
N ASN B 52 11.14 6.41 15.74
CA ASN B 52 10.70 5.22 16.45
C ASN B 52 9.20 5.25 16.57
N LYS B 53 8.61 6.12 15.77
CA LYS B 53 7.19 6.44 15.86
C LYS B 53 6.47 6.22 14.55
N LYS B 54 5.20 5.83 14.65
CA LYS B 54 4.34 5.71 13.49
C LYS B 54 4.20 7.07 12.81
N PRO B 55 4.10 7.05 11.48
CA PRO B 55 3.98 8.34 10.78
C PRO B 55 2.67 9.03 11.14
N TYR B 56 2.63 10.36 10.96
CA TYR B 56 1.41 11.10 11.17
C TYR B 56 0.48 10.84 9.98
N VAL B 57 -0.82 10.91 10.25
CA VAL B 57 -1.83 10.78 9.21
C VAL B 57 -2.52 12.12 8.98
N ALA B 58 -2.67 12.52 7.72
CA ALA B 58 -3.28 13.80 7.42
C ALA B 58 -4.12 13.72 6.17
N LYS B 59 -5.17 14.52 6.11
CA LYS B 59 -5.92 14.71 4.86
C LYS B 59 -5.37 15.94 4.16
N LEU B 60 -5.13 15.83 2.85
CA LEU B 60 -4.64 16.96 2.09
C LEU B 60 -5.80 17.90 1.80
N ILE B 61 -5.72 19.14 2.28
CA ILE B 61 -6.76 20.11 2.00
C ILE B 61 -6.34 21.16 0.97
N GLU B 62 -5.03 21.41 0.85
CA GLU B 62 -4.48 22.31 -0.18
C GLU B 62 -3.11 21.80 -0.67
N LEU B 63 -2.82 21.98 -1.95
CA LEU B 63 -1.46 21.77 -2.45
C LEU B 63 -1.05 23.08 -3.10
N PHE B 64 0.13 23.58 -2.77
CA PHE B 64 0.56 24.84 -3.38
C PHE B 64 2.06 25.05 -3.50
N GLN B 65 2.44 25.81 -4.51
CA GLN B 65 3.79 26.27 -4.65
C GLN B 65 3.88 27.57 -3.86
N ASN B 66 4.82 27.64 -2.92
CA ASN B 66 4.88 28.79 -2.02
C ASN B 66 6.01 29.75 -2.43
N GLY B 67 5.64 30.87 -3.03
CA GLY B 67 6.61 31.85 -3.52
C GLY B 67 7.21 32.71 -2.42
N ALA B 68 6.62 32.64 -1.22
CA ALA B 68 7.09 33.39 -0.07
C ALA B 68 8.21 32.66 0.63
N GLU B 69 8.56 31.49 0.10
CA GLU B 69 9.79 30.83 0.49
C GLU B 69 10.82 30.96 -0.61
N VAL B 70 12.08 31.12 -0.22
CA VAL B 70 13.17 31.23 -1.18
C VAL B 70 14.28 30.27 -0.77
N PRO B 71 14.60 29.30 -1.62
CA PRO B 71 13.90 29.06 -2.90
C PRO B 71 12.47 28.59 -2.67
N PRO B 72 11.64 28.69 -3.72
CA PRO B 72 10.22 28.32 -3.56
C PRO B 72 10.12 26.84 -3.21
N LYS B 73 9.09 26.50 -2.46
CA LYS B 73 8.92 25.13 -1.97
C LYS B 73 7.53 24.65 -2.31
N LYS B 74 7.39 23.34 -2.52
CA LYS B 74 6.06 22.77 -2.70
C LYS B 74 5.51 22.42 -1.32
N CYS B 75 4.31 22.90 -1.02
CA CYS B 75 3.71 22.75 0.31
C CYS B 75 2.33 22.14 0.26
N ALA B 76 1.87 21.66 1.41
CA ALA B 76 0.49 21.27 1.56
C ALA B 76 -0.07 21.91 2.81
N ARG B 77 -1.38 22.15 2.80
CA ARG B 77 -2.13 22.45 4.02
C ARG B 77 -2.90 21.18 4.32
N VAL B 78 -2.97 20.79 5.59
CA VAL B 78 -3.58 19.51 5.93
C VAL B 78 -4.57 19.63 7.06
N GLN B 79 -5.41 18.61 7.17
CA GLN B 79 -6.17 18.36 8.39
C GLN B 79 -5.54 17.14 9.06
N TRP B 80 -5.11 17.31 10.31
CA TRP B 80 -4.43 16.23 11.02
C TRP B 80 -5.40 15.21 11.63
N PHE B 81 -4.94 13.98 11.76
CA PHE B 81 -5.60 12.99 12.59
C PHE B 81 -4.63 12.61 13.69
N VAL B 82 -5.16 12.02 14.75
CA VAL B 82 -4.32 11.52 15.83
C VAL B 82 -4.67 10.06 16.11
N ARG B 83 -3.66 9.28 16.51
CA ARG B 83 -3.89 7.90 16.94
C ARG B 83 -4.24 7.83 18.44
N PHE B 84 -4.87 6.73 18.85
CA PHE B 84 -5.38 6.61 20.21
C PHE B 84 -4.31 6.83 21.29
N LEU B 85 -3.11 6.31 21.09
CA LEU B 85 -2.09 6.38 22.14
C LEU B 85 -1.41 7.73 22.19
N GLU B 86 -1.83 8.64 21.30
CA GLU B 86 -1.35 10.01 21.31
C GLU B 86 -2.28 10.87 22.17
N ILE B 87 -3.42 10.30 22.54
CA ILE B 87 -4.35 10.95 23.45
C ILE B 87 -3.95 10.56 24.87
N PRO B 88 -3.92 11.54 25.80
CA PRO B 88 -3.47 11.29 27.18
C PRO B 88 -4.17 10.11 27.83
N VAL B 89 -3.40 9.29 28.57
CA VAL B 89 -3.96 8.13 29.25
C VAL B 89 -5.20 8.53 30.03
N SER B 90 -5.13 9.67 30.70
CA SER B 90 -6.18 10.11 31.63
C SER B 90 -7.48 10.49 30.94
N LYS B 91 -7.42 10.69 29.62
CA LYS B 91 -8.60 11.09 28.88
C LYS B 91 -9.18 9.96 28.03
N ARG B 92 -8.44 8.87 27.90
CA ARG B 92 -8.87 7.81 27.01
C ARG B 92 -10.20 7.16 27.39
N HIS B 93 -10.48 7.07 28.69
CA HIS B 93 -11.74 6.45 29.13
C HIS B 93 -12.96 7.15 28.55
N LEU B 94 -12.81 8.42 28.18
CA LEU B 94 -13.93 9.20 27.67
C LEU B 94 -14.51 8.63 26.37
N LEU B 95 -13.76 7.76 25.69
CA LEU B 95 -14.24 7.15 24.46
C LEU B 95 -15.38 6.19 24.78
N GLY B 96 -15.26 5.50 25.91
CA GLY B 96 -16.29 4.57 26.35
C GLY B 96 -16.12 3.18 25.75
N ARG B 97 -14.99 2.96 25.09
CA ARG B 97 -14.66 1.68 24.47
C ARG B 97 -13.17 1.60 24.18
N SER B 98 -12.68 0.41 23.88
CA SER B 98 -11.28 0.23 23.50
C SER B 98 -11.15 0.05 21.98
N PRO B 99 -10.62 1.06 21.30
CA PRO B 99 -10.65 1.04 19.83
C PRO B 99 -9.53 0.19 19.21
N PRO B 100 -9.81 -0.40 18.04
CA PRO B 100 -8.82 -1.21 17.31
C PRO B 100 -7.64 -0.39 16.82
N ALA B 101 -6.56 -1.07 16.47
CA ALA B 101 -5.38 -0.39 15.95
C ALA B 101 -5.68 0.46 14.71
N GLN B 102 -6.71 0.10 13.94
CA GLN B 102 -6.96 0.81 12.68
C GLN B 102 -7.81 2.07 12.83
N GLU B 103 -8.36 2.30 14.01
CA GLU B 103 -9.19 3.49 14.21
C GLU B 103 -8.37 4.71 14.64
N ILE B 104 -8.53 5.80 13.92
CA ILE B 104 -7.85 7.05 14.24
C ILE B 104 -8.90 8.12 14.48
N PHE B 105 -8.46 9.31 14.90
CA PHE B 105 -9.39 10.38 15.27
C PHE B 105 -9.08 11.71 14.58
N TRP B 106 -10.13 12.37 14.10
CA TRP B 106 -9.98 13.69 13.48
C TRP B 106 -9.54 14.68 14.56
N TYR B 107 -8.42 15.36 14.34
CA TYR B 107 -7.86 16.26 15.35
C TYR B 107 -8.37 17.69 15.18
N ASP B 108 -9.35 18.05 16.00
CA ASP B 108 -10.06 19.31 15.89
C ASP B 108 -9.42 20.36 16.79
N CYS B 109 -8.29 20.90 16.36
CA CYS B 109 -7.55 21.88 17.14
C CYS B 109 -6.57 22.61 16.24
N SER B 110 -6.34 23.90 16.52
CA SER B 110 -5.53 24.73 15.65
C SER B 110 -4.07 24.89 16.11
N ASP B 111 -3.72 24.26 17.23
CA ASP B 111 -2.39 24.43 17.82
C ASP B 111 -1.30 23.70 17.04
N TRP B 112 -1.70 22.69 16.27
CA TRP B 112 -0.76 21.94 15.45
C TRP B 112 -0.71 22.58 14.06
N ASP B 113 0.47 23.10 13.68
CA ASP B 113 0.65 23.81 12.41
C ASP B 113 0.24 22.93 11.25
N ASN B 114 -0.62 23.44 10.37
CA ASN B 114 -1.17 22.59 9.33
C ASN B 114 -0.50 22.78 7.98
N LYS B 115 0.58 23.57 7.93
CA LYS B 115 1.37 23.71 6.71
C LYS B 115 2.61 22.81 6.76
N ILE B 116 2.76 21.96 5.75
CA ILE B 116 3.88 21.06 5.67
C ILE B 116 4.60 21.20 4.34
N ASN B 117 5.88 20.83 4.30
CA ASN B 117 6.61 20.70 3.04
C ASN B 117 6.25 19.34 2.44
N VAL B 118 5.97 19.26 1.14
CA VAL B 118 5.54 17.97 0.58
C VAL B 118 6.65 16.92 0.65
N GLU B 119 7.89 17.36 0.82
CA GLU B 119 9.00 16.41 0.94
C GLU B 119 8.86 15.48 2.17
N THR B 120 8.03 15.88 3.13
CA THR B 120 7.79 15.04 4.31
C THR B 120 6.72 13.95 4.07
N ILE B 121 6.08 13.96 2.91
CA ILE B 121 5.10 12.93 2.57
C ILE B 121 5.77 11.59 2.26
N ILE B 122 5.36 10.56 2.98
CA ILE B 122 5.82 9.19 2.70
C ILE B 122 5.03 8.60 1.53
N GLY B 123 3.72 8.77 1.55
CA GLY B 123 2.87 8.24 0.50
C GLY B 123 1.42 8.32 0.91
N PRO B 124 0.50 7.92 0.02
CA PRO B 124 -0.93 7.95 0.31
C PRO B 124 -1.34 6.81 1.23
N VAL B 125 -2.48 7.00 1.89
CA VAL B 125 -3.08 5.96 2.72
C VAL B 125 -4.59 6.08 2.58
N GLN B 126 -5.30 4.96 2.68
CA GLN B 126 -6.75 4.97 2.60
C GLN B 126 -7.31 5.22 4.00
N VAL B 127 -8.15 6.24 4.13
CA VAL B 127 -8.86 6.50 5.37
C VAL B 127 -10.33 6.51 5.05
N VAL B 128 -11.09 5.74 5.82
CA VAL B 128 -12.52 5.60 5.57
C VAL B 128 -13.31 6.08 6.77
N ALA B 129 -14.37 6.83 6.51
CA ALA B 129 -15.25 7.29 7.58
C ALA B 129 -16.35 6.25 7.85
N LEU B 130 -16.58 5.97 9.13
CA LEU B 130 -17.60 5.01 9.53
C LEU B 130 -18.61 5.67 10.46
N ALA B 131 -19.86 5.18 10.45
CA ALA B 131 -20.81 5.64 11.45
C ALA B 131 -20.36 5.16 12.83
N PRO B 132 -20.53 6.00 13.85
CA PRO B 132 -20.04 5.67 15.20
C PRO B 132 -20.41 4.26 15.66
N GLU B 133 -21.54 3.73 15.20
CA GLU B 133 -22.01 2.41 15.62
C GLU B 133 -21.42 1.27 14.79
N GLU B 134 -20.98 1.59 13.57
CA GLU B 134 -20.57 0.60 12.60
C GLU B 134 -19.36 -0.24 13.02
N VAL B 135 -19.39 -1.53 12.68
CA VAL B 135 -18.25 -2.42 12.86
C VAL B 135 -17.15 -2.08 11.85
N ILE B 136 -15.89 -2.38 12.20
CA ILE B 136 -14.75 -1.98 11.40
C ILE B 136 -14.77 -2.45 9.95
N PRO B 137 -14.56 -3.75 9.73
CA PRO B 137 -14.45 -4.29 8.38
C PRO B 137 -13.29 -3.66 7.62
N GLU B 143 -6.45 -4.34 5.03
CA GLU B 143 -5.49 -4.42 6.12
C GLU B 143 -4.62 -3.16 6.26
N GLU B 144 -4.56 -2.33 5.21
CA GLU B 144 -3.79 -1.09 5.28
C GLU B 144 -4.68 0.14 5.50
N THR B 145 -6.00 -0.08 5.45
CA THR B 145 -6.96 1.01 5.60
C THR B 145 -7.09 1.46 7.04
N LEU B 146 -7.21 2.78 7.24
CA LEU B 146 -7.52 3.32 8.56
C LEU B 146 -8.94 3.83 8.54
N PHE B 147 -9.58 3.83 9.71
CA PHE B 147 -10.97 4.23 9.83
C PHE B 147 -11.15 5.33 10.86
N VAL B 148 -12.12 6.20 10.60
CA VAL B 148 -12.37 7.30 11.52
C VAL B 148 -13.86 7.42 11.79
N LYS B 149 -14.20 7.57 13.07
CA LYS B 149 -15.58 7.72 13.51
C LYS B 149 -15.79 9.06 14.20
N LEU B 150 -14.77 9.51 14.93
CA LEU B 150 -14.92 10.68 15.78
C LEU B 150 -13.80 11.69 15.69
N SER B 151 -14.04 12.87 16.26
CA SER B 151 -12.98 13.86 16.41
C SER B 151 -12.52 13.91 17.86
N TRP B 152 -11.32 14.44 18.05
CA TRP B 152 -10.77 14.69 19.38
C TRP B 152 -10.24 16.12 19.41
N ASN B 153 -10.58 16.86 20.45
CA ASN B 153 -10.29 18.29 20.51
C ASN B 153 -9.43 18.71 21.70
N LYS B 154 -8.79 17.73 22.35
CA LYS B 154 -7.94 17.95 23.52
C LYS B 154 -8.74 17.88 24.83
N LYS B 155 -10.07 17.90 24.73
CA LYS B 155 -10.94 17.88 25.90
C LYS B 155 -11.79 16.63 25.92
N ASP B 156 -12.42 16.34 24.79
CA ASP B 156 -13.36 15.26 24.68
C ASP B 156 -13.44 14.75 23.25
N PHE B 157 -14.09 13.60 23.08
CA PHE B 157 -14.42 13.07 21.77
C PHE B 157 -15.76 13.63 21.32
N ALA B 158 -15.84 14.01 20.05
CA ALA B 158 -17.07 14.60 19.52
C ALA B 158 -17.31 14.06 18.13
N PRO B 159 -18.50 14.34 17.57
CA PRO B 159 -18.75 13.88 16.20
C PRO B 159 -17.81 14.52 15.17
N LEU B 160 -17.70 13.86 14.03
CA LEU B 160 -16.97 14.42 12.90
C LEU B 160 -17.70 15.67 12.42
N PRO B 161 -16.95 16.66 11.94
CA PRO B 161 -17.59 17.92 11.51
C PRO B 161 -18.33 17.73 10.19
N PRO B 162 -19.19 18.69 9.83
CA PRO B 162 -19.99 18.57 8.60
C PRO B 162 -19.12 18.66 7.35
#